data_9ARZ
#
_entry.id   9ARZ
#
_cell.length_a   1.00
_cell.length_b   1.00
_cell.length_c   1.00
_cell.angle_alpha   90.00
_cell.angle_beta   90.00
_cell.angle_gamma   90.00
#
_symmetry.space_group_name_H-M   'P 1'
#
loop_
_entity.id
_entity.type
_entity.pdbx_description
1 polymer '5-hydroxytryptamine receptor 2A'
2 non-polymer 2-bromo-N,N-diethyl-6-methyl-9,10-didehydroergoline-8beta-carboxamide
#
_entity_poly.entity_id   1
_entity_poly.type   'polypeptide(L)'
_entity_poly.pdbx_seq_one_letter_code
;MDILCEENTSLSSTTNSLMQLNDDTRLYSNDFNSGEANTSDAFNWTVDSENRTNLSCEGCLSPSCLSLLHLQEKNWSALL
TAVVIILTIAGNILVIMAVSLEKKLQNATNYFLMSLAIADMLLGFLVMPVSMLTILYGYRWPLPSKLCAVWIYLDVLFST
ASIMHLCAISLDRYVAIQNPIHHSRFNSRTKAFLKIIAVWTISVGISMPIPVFGLQDDSKVFKEGSCLLADDNFVLIGSF
VSFFIPLTIMVITYFLTIKSLQKEATLCVSDLGTRAKLASFSFLPQSSLSSEKLFQRSIHREPGSYTGRRTMQSISNEQK
ACKVLGIVFFLFVVMWCPFFITNIMAVICKESCNEDVIGALLNVFVWIGYLSSAVNPLVYTLFNKTYRSAFSRYIQCQYK
ENKKPLQLILVNTIPALAYKSSQLQMGQKKNSKQDAKTTDNDCSMVALGKQHSEEASKDNSDGVNEKVSCV
;
_entity_poly.pdbx_strand_id   A
#
loop_
_chem_comp.id
_chem_comp.type
_chem_comp.name
_chem_comp.formula
A1AFU non-polymer 2-bromo-N,N-diethyl-6-methyl-9,10-didehydroergoline-8beta-carboxamide 'C20 H24 Br N3 O'
#
# COMPACT_ATOMS: atom_id res chain seq x y z
N LEU A 80 18.32 11.56 -2.68
CA LEU A 80 17.14 11.14 -3.41
C LEU A 80 16.24 10.27 -2.53
N THR A 81 16.86 9.34 -1.80
CA THR A 81 16.08 8.46 -0.92
C THR A 81 15.42 9.24 0.19
N ALA A 82 16.12 10.23 0.77
CA ALA A 82 15.54 11.01 1.86
C ALA A 82 14.32 11.81 1.44
N VAL A 83 14.19 12.12 0.15
CA VAL A 83 13.03 12.87 -0.33
C VAL A 83 11.76 12.04 -0.17
N VAL A 84 11.85 10.72 -0.35
CA VAL A 84 10.66 9.89 -0.34
C VAL A 84 10.09 9.81 1.08
N ILE A 85 10.97 9.71 2.08
CA ILE A 85 10.50 9.62 3.47
C ILE A 85 9.77 10.90 3.87
N ILE A 86 10.35 12.06 3.55
CA ILE A 86 9.74 13.34 3.89
C ILE A 86 8.40 13.48 3.18
N LEU A 87 8.35 13.13 1.90
CA LEU A 87 7.10 13.20 1.15
C LEU A 87 6.04 12.31 1.78
N THR A 88 6.44 11.10 2.21
CA THR A 88 5.50 10.20 2.87
C THR A 88 4.91 10.81 4.12
N ILE A 89 5.77 11.30 5.03
CA ILE A 89 5.27 11.80 6.31
C ILE A 89 4.38 13.02 6.07
N ALA A 90 4.80 13.92 5.18
CA ALA A 90 4.03 15.12 4.95
C ALA A 90 2.69 14.80 4.30
N GLY A 91 2.69 13.99 3.24
CA GLY A 91 1.46 13.66 2.56
C GLY A 91 0.50 12.84 3.38
N ASN A 92 0.99 12.10 4.37
CA ASN A 92 0.09 11.37 5.26
C ASN A 92 -0.43 12.24 6.40
N ILE A 93 0.43 13.07 6.99
CA ILE A 93 -0.03 13.98 8.04
C ILE A 93 -1.05 14.96 7.48
N LEU A 94 -0.91 15.34 6.21
CA LEU A 94 -1.88 16.26 5.61
C LEU A 94 -3.28 15.65 5.57
N VAL A 95 -3.41 14.40 5.14
CA VAL A 95 -4.73 13.76 5.14
C VAL A 95 -5.21 13.45 6.55
N ILE A 96 -4.29 13.15 7.48
CA ILE A 96 -4.67 13.00 8.88
C ILE A 96 -5.36 14.26 9.38
N MET A 97 -4.72 15.41 9.16
CA MET A 97 -5.29 16.67 9.61
C MET A 97 -6.54 17.07 8.82
N ALA A 98 -6.61 16.70 7.54
CA ALA A 98 -7.77 17.03 6.72
C ALA A 98 -9.01 16.24 7.09
N VAL A 99 -8.86 14.98 7.49
CA VAL A 99 -10.01 14.19 7.92
C VAL A 99 -10.35 14.48 9.37
N SER A 100 -9.34 14.72 10.22
CA SER A 100 -9.61 14.88 11.68
C SER A 100 -10.10 16.31 12.02
N LEU A 101 -9.81 17.29 11.17
CA LEU A 101 -10.16 18.68 11.46
C LEU A 101 -10.92 19.33 10.32
N GLU A 102 -11.92 18.62 9.78
CA GLU A 102 -12.78 19.17 8.73
C GLU A 102 -14.11 18.46 8.80
N LYS A 103 -15.17 19.20 9.17
CA LYS A 103 -16.47 18.59 9.40
C LYS A 103 -17.07 18.02 8.12
N LYS A 104 -16.87 18.69 6.98
CA LYS A 104 -17.49 18.25 5.73
C LYS A 104 -16.98 16.89 5.27
N LEU A 105 -15.78 16.49 5.69
CA LEU A 105 -15.15 15.25 5.23
C LEU A 105 -15.29 14.11 6.23
N GLN A 106 -16.10 14.26 7.27
CA GLN A 106 -16.33 13.18 8.23
C GLN A 106 -17.39 12.26 7.65
N ASN A 107 -16.93 11.22 6.96
CA ASN A 107 -17.81 10.26 6.30
C ASN A 107 -17.22 8.86 6.48
N ALA A 108 -18.03 7.85 6.14
CA ALA A 108 -17.57 6.48 6.27
C ALA A 108 -16.39 6.18 5.34
N THR A 109 -16.44 6.67 4.10
CA THR A 109 -15.35 6.44 3.17
C THR A 109 -14.07 7.14 3.62
N ASN A 110 -14.23 8.34 4.19
CA ASN A 110 -13.04 9.13 4.63
C ASN A 110 -12.37 8.42 5.83
N TYR A 111 -13.12 7.60 6.58
CA TYR A 111 -12.48 6.85 7.66
C TYR A 111 -11.68 5.67 7.14
N PHE A 112 -12.12 5.00 6.08
CA PHE A 112 -11.26 3.98 5.49
C PHE A 112 -10.03 4.62 4.85
N LEU A 113 -10.20 5.81 4.28
CA LEU A 113 -9.04 6.56 3.75
C LEU A 113 -8.12 6.89 4.93
N MET A 114 -8.72 7.26 6.07
CA MET A 114 -7.95 7.56 7.28
C MET A 114 -7.12 6.36 7.70
N SER A 115 -7.72 5.16 7.64
CA SER A 115 -6.98 3.94 7.98
C SER A 115 -5.84 3.70 7.01
N LEU A 116 -6.09 3.88 5.71
CA LEU A 116 -5.03 3.75 4.71
C LEU A 116 -3.91 4.74 4.98
N ALA A 117 -4.27 5.98 5.32
CA ALA A 117 -3.28 7.00 5.63
C ALA A 117 -2.48 6.63 6.86
N ILE A 118 -3.12 6.02 7.85
CA ILE A 118 -2.40 5.58 9.05
C ILE A 118 -1.40 4.49 8.69
N ALA A 119 -1.81 3.55 7.82
CA ALA A 119 -0.90 2.48 7.41
C ALA A 119 0.32 3.04 6.71
N ASP A 120 0.11 3.93 5.73
CA ASP A 120 1.24 4.52 5.02
C ASP A 120 2.05 5.45 5.92
N MET A 121 1.40 6.10 6.90
CA MET A 121 2.11 6.92 7.87
C MET A 121 3.11 6.08 8.66
N LEU A 122 2.65 4.96 9.22
CA LEU A 122 3.54 4.09 9.96
C LEU A 122 4.62 3.51 9.06
N LEU A 123 4.27 3.20 7.81
CA LEU A 123 5.28 2.70 6.87
C LEU A 123 6.34 3.75 6.59
N GLY A 124 5.96 5.03 6.62
CA GLY A 124 6.90 6.08 6.32
C GLY A 124 7.87 6.45 7.44
N PHE A 125 7.71 5.85 8.62
CA PHE A 125 8.55 6.15 9.77
C PHE A 125 9.23 4.91 10.36
N LEU A 126 8.53 3.78 10.41
CA LEU A 126 9.08 2.57 11.02
C LEU A 126 9.88 1.70 10.07
N VAL A 127 9.88 2.02 8.76
CA VAL A 127 10.50 1.17 7.74
C VAL A 127 11.49 1.98 6.91
N MET A 128 11.00 3.06 6.31
CA MET A 128 11.75 3.80 5.31
C MET A 128 13.05 4.41 5.86
N PRO A 129 13.06 5.01 7.06
CA PRO A 129 14.35 5.43 7.63
C PRO A 129 15.34 4.28 7.79
N VAL A 130 14.85 3.10 8.19
CA VAL A 130 15.73 1.95 8.35
C VAL A 130 16.24 1.47 6.99
N SER A 131 15.38 1.51 5.97
CA SER A 131 15.82 1.14 4.62
C SER A 131 16.88 2.11 4.11
N MET A 132 16.69 3.41 4.36
CA MET A 132 17.71 4.39 4.00
C MET A 132 19.01 4.14 4.76
N LEU A 133 18.91 3.75 6.03
CA LEU A 133 20.10 3.39 6.80
C LEU A 133 20.82 2.21 6.15
N THR A 134 20.07 1.20 5.72
CA THR A 134 20.67 0.04 5.08
C THR A 134 21.38 0.43 3.79
N ILE A 135 20.74 1.29 2.99
CA ILE A 135 21.38 1.74 1.75
C ILE A 135 22.63 2.54 2.05
N LEU A 136 22.58 3.42 3.05
CA LEU A 136 23.73 4.25 3.38
C LEU A 136 24.91 3.41 3.85
N TYR A 137 24.64 2.45 4.76
CA TYR A 137 25.72 1.62 5.29
C TYR A 137 26.14 0.56 4.27
N GLY A 138 25.17 0.00 3.55
CA GLY A 138 25.41 -1.13 2.67
C GLY A 138 24.76 -2.38 3.20
N TYR A 139 25.29 -3.53 2.75
CA TYR A 139 24.76 -4.81 3.22
C TYR A 139 25.01 -5.00 4.71
N ARG A 140 26.21 -4.66 5.19
CA ARG A 140 26.49 -4.73 6.62
C ARG A 140 25.58 -3.78 7.38
N TRP A 141 24.98 -4.28 8.46
CA TRP A 141 23.90 -3.60 9.13
C TRP A 141 24.31 -3.29 10.56
N PRO A 142 24.37 -2.02 10.99
CA PRO A 142 24.83 -1.76 12.37
C PRO A 142 23.84 -2.21 13.44
N LEU A 143 22.56 -2.28 13.11
CA LEU A 143 21.57 -2.66 14.10
C LEU A 143 21.74 -4.14 14.48
N PRO A 144 21.27 -4.57 15.68
CA PRO A 144 21.47 -5.96 16.17
C PRO A 144 20.82 -6.97 15.24
N SER A 145 21.44 -8.14 15.14
CA SER A 145 20.90 -9.21 14.31
C SER A 145 19.52 -9.67 14.77
N LYS A 146 19.23 -9.59 16.06
CA LYS A 146 17.92 -9.99 16.55
C LYS A 146 16.80 -9.11 16.00
N LEU A 147 17.11 -7.86 15.63
CA LEU A 147 16.11 -6.92 15.16
C LEU A 147 15.77 -7.08 13.69
N CYS A 148 16.52 -7.91 12.95
CA CYS A 148 16.24 -8.05 11.51
C CYS A 148 14.90 -8.72 11.28
N ALA A 149 14.51 -9.66 12.13
CA ALA A 149 13.28 -10.40 11.91
C ALA A 149 12.04 -9.54 11.98
N VAL A 150 11.98 -8.58 12.90
CA VAL A 150 10.78 -7.77 13.09
C VAL A 150 10.72 -6.59 12.13
N TRP A 151 11.87 -6.08 11.66
CA TRP A 151 11.85 -4.99 10.70
C TRP A 151 11.34 -5.45 9.34
N ILE A 152 11.64 -6.68 8.95
CA ILE A 152 11.04 -7.25 7.75
C ILE A 152 9.56 -7.55 7.99
N TYR A 153 9.20 -7.90 9.23
CA TYR A 153 7.81 -8.19 9.54
C TYR A 153 6.93 -6.95 9.36
N LEU A 154 7.48 -5.78 9.67
CA LEU A 154 6.70 -4.55 9.50
C LEU A 154 6.44 -4.26 8.03
N ASP A 155 7.40 -4.57 7.15
CA ASP A 155 7.20 -4.37 5.72
C ASP A 155 6.02 -5.19 5.21
N VAL A 156 6.04 -6.50 5.49
CA VAL A 156 4.95 -7.38 5.09
C VAL A 156 3.66 -7.06 5.80
N LEU A 157 3.72 -6.34 6.93
CA LEU A 157 2.53 -5.89 7.63
C LEU A 157 1.94 -4.65 6.98
N PHE A 158 2.71 -3.55 6.94
CA PHE A 158 2.17 -2.29 6.49
C PHE A 158 1.93 -2.27 4.98
N SER A 159 2.87 -2.78 4.18
CA SER A 159 2.67 -2.80 2.75
C SER A 159 1.48 -3.68 2.37
N THR A 160 1.36 -4.84 3.02
CA THR A 160 0.17 -5.69 2.77
C THR A 160 -1.06 -4.91 3.15
N ALA A 161 -1.06 -4.27 4.33
CA ALA A 161 -2.25 -3.55 4.78
C ALA A 161 -2.68 -2.51 3.76
N SER A 162 -1.72 -1.76 3.22
CA SER A 162 -2.06 -0.78 2.20
C SER A 162 -2.61 -1.45 0.94
N ILE A 163 -2.05 -2.60 0.55
CA ILE A 163 -2.52 -3.25 -0.66
C ILE A 163 -3.96 -3.73 -0.49
N MET A 164 -4.29 -4.36 0.64
CA MET A 164 -5.68 -4.76 0.82
C MET A 164 -6.59 -3.56 1.05
N HIS A 165 -6.05 -2.44 1.56
CA HIS A 165 -6.85 -1.22 1.63
C HIS A 165 -7.27 -0.77 0.24
N LEU A 166 -6.32 -0.76 -0.69
CA LEU A 166 -6.63 -0.38 -2.07
C LEU A 166 -7.60 -1.36 -2.72
N CYS A 167 -7.41 -2.66 -2.45
CA CYS A 167 -8.33 -3.66 -3.00
C CYS A 167 -9.75 -3.46 -2.48
N ALA A 168 -9.90 -3.22 -1.18
CA ALA A 168 -11.22 -2.96 -0.62
C ALA A 168 -11.81 -1.67 -1.16
N ILE A 169 -10.98 -0.64 -1.37
CA ILE A 169 -11.49 0.61 -1.94
C ILE A 169 -12.03 0.36 -3.34
N SER A 170 -11.31 -0.41 -4.15
CA SER A 170 -11.78 -0.69 -5.51
C SER A 170 -13.07 -1.51 -5.48
N LEU A 171 -13.16 -2.49 -4.60
CA LEU A 171 -14.40 -3.27 -4.49
C LEU A 171 -15.57 -2.38 -4.06
N ASP A 172 -15.34 -1.50 -3.08
CA ASP A 172 -16.40 -0.62 -2.63
C ASP A 172 -16.83 0.34 -3.73
N ARG A 173 -15.87 0.88 -4.50
CA ARG A 173 -16.22 1.73 -5.62
C ARG A 173 -17.07 0.98 -6.65
N TYR A 174 -16.73 -0.29 -6.90
CA TYR A 174 -17.54 -1.06 -7.83
C TYR A 174 -18.96 -1.26 -7.32
N VAL A 175 -19.11 -1.54 -6.03
CA VAL A 175 -20.46 -1.69 -5.49
C VAL A 175 -21.20 -0.36 -5.56
N ALA A 176 -20.49 0.75 -5.35
CA ALA A 176 -21.11 2.07 -5.34
C ALA A 176 -21.54 2.52 -6.73
N ILE A 177 -20.81 2.14 -7.77
CA ILE A 177 -21.09 2.59 -9.13
C ILE A 177 -22.03 1.62 -9.86
N GLN A 178 -21.89 0.32 -9.64
CA GLN A 178 -22.73 -0.65 -10.35
C GLN A 178 -24.14 -0.67 -9.77
N ASN A 179 -24.26 -0.65 -8.45
CA ASN A 179 -25.55 -0.74 -7.74
C ASN A 179 -25.60 0.40 -6.73
N PRO A 180 -25.93 1.62 -7.16
CA PRO A 180 -25.82 2.77 -6.25
C PRO A 180 -26.91 2.82 -5.18
N ILE A 181 -28.15 2.46 -5.55
CA ILE A 181 -29.23 2.48 -4.57
C ILE A 181 -28.93 1.53 -3.42
N HIS A 182 -28.54 0.29 -3.75
CA HIS A 182 -28.28 -0.70 -2.71
C HIS A 182 -27.05 -0.36 -1.91
N HIS A 183 -26.02 0.19 -2.57
CA HIS A 183 -24.85 0.61 -1.76
C HIS A 183 -25.34 1.64 -0.74
N SER A 184 -25.98 2.71 -1.21
CA SER A 184 -26.42 3.73 -0.27
C SER A 184 -27.28 3.15 0.84
N ARG A 185 -28.11 2.15 0.51
CA ARG A 185 -28.92 1.49 1.53
C ARG A 185 -28.07 0.77 2.55
N PHE A 186 -27.00 0.10 2.11
CA PHE A 186 -26.11 -0.64 2.99
C PHE A 186 -24.98 0.21 3.56
N ASN A 187 -24.82 1.45 3.11
CA ASN A 187 -23.71 2.27 3.57
C ASN A 187 -23.92 2.65 5.04
N SER A 188 -22.89 2.41 5.85
CA SER A 188 -22.94 2.72 7.27
C SER A 188 -21.51 2.85 7.79
N ARG A 189 -21.38 3.27 9.05
CA ARG A 189 -20.09 3.24 9.72
C ARG A 189 -19.70 1.83 10.13
N THR A 190 -20.69 0.97 10.39
CA THR A 190 -20.39 -0.41 10.75
C THR A 190 -19.67 -1.13 9.61
N LYS A 191 -20.08 -0.85 8.37
CA LYS A 191 -19.40 -1.46 7.22
C LYS A 191 -17.96 -0.96 7.15
N ALA A 192 -17.73 0.32 7.43
CA ALA A 192 -16.38 0.85 7.40
C ALA A 192 -15.50 0.19 8.45
N PHE A 193 -16.02 0.03 9.67
CA PHE A 193 -15.24 -0.64 10.71
C PHE A 193 -15.01 -2.10 10.37
N LEU A 194 -16.01 -2.76 9.80
CA LEU A 194 -15.82 -4.15 9.38
C LEU A 194 -14.74 -4.26 8.31
N LYS A 195 -14.73 -3.33 7.36
CA LYS A 195 -13.70 -3.33 6.32
C LYS A 195 -12.31 -3.14 6.92
N ILE A 196 -12.18 -2.18 7.85
CA ILE A 196 -10.88 -1.92 8.46
C ILE A 196 -10.41 -3.14 9.23
N ILE A 197 -11.31 -3.75 10.01
CA ILE A 197 -10.95 -4.93 10.79
C ILE A 197 -10.55 -6.07 9.87
N ALA A 198 -11.30 -6.28 8.78
CA ALA A 198 -11.00 -7.38 7.88
C ALA A 198 -9.65 -7.20 7.20
N VAL A 199 -9.37 -5.99 6.69
CA VAL A 199 -8.11 -5.81 5.98
C VAL A 199 -6.93 -5.91 6.94
N TRP A 200 -7.04 -5.35 8.15
CA TRP A 200 -5.92 -5.47 9.08
C TRP A 200 -5.76 -6.89 9.60
N THR A 201 -6.86 -7.62 9.78
CA THR A 201 -6.75 -9.03 10.16
C THR A 201 -6.05 -9.83 9.08
N ILE A 202 -6.40 -9.57 7.81
CA ILE A 202 -5.77 -10.30 6.71
C ILE A 202 -4.29 -9.95 6.63
N SER A 203 -3.96 -8.66 6.80
CA SER A 203 -2.55 -8.27 6.76
C SER A 203 -1.75 -8.89 7.89
N VAL A 204 -2.30 -8.95 9.10
CA VAL A 204 -1.60 -9.57 10.22
C VAL A 204 -1.44 -11.06 9.97
N GLY A 205 -2.48 -11.71 9.44
CA GLY A 205 -2.40 -13.14 9.19
C GLY A 205 -1.36 -13.52 8.17
N ILE A 206 -1.22 -12.74 7.10
CA ILE A 206 -0.25 -13.05 6.06
C ILE A 206 1.17 -12.92 6.61
N SER A 207 1.41 -11.91 7.44
CA SER A 207 2.72 -11.68 8.04
C SER A 207 2.87 -12.35 9.40
N MET A 208 1.99 -13.28 9.74
CA MET A 208 2.08 -14.01 11.01
C MET A 208 3.15 -15.10 11.01
N PRO A 209 3.45 -15.78 9.89
CA PRO A 209 4.59 -16.71 9.90
C PRO A 209 5.94 -16.07 10.22
N ILE A 210 6.23 -14.88 9.70
CA ILE A 210 7.63 -14.41 9.67
C ILE A 210 8.24 -14.21 11.05
N PRO A 211 7.56 -13.57 12.04
CA PRO A 211 8.27 -13.35 13.31
C PRO A 211 8.44 -14.64 14.11
N VAL A 212 7.46 -15.54 14.05
CA VAL A 212 7.55 -16.78 14.81
C VAL A 212 8.37 -17.85 14.09
N PHE A 213 8.79 -17.61 12.85
CA PHE A 213 9.73 -18.50 12.16
C PHE A 213 11.08 -17.85 11.89
N GLY A 214 11.27 -16.58 12.23
CA GLY A 214 12.46 -15.84 11.87
C GLY A 214 13.31 -15.38 13.05
N LEU A 215 12.67 -15.10 14.19
CA LEU A 215 13.43 -14.66 15.35
C LEU A 215 14.36 -15.74 15.89
N GLN A 216 13.99 -17.01 15.75
CA GLN A 216 14.70 -18.12 16.37
C GLN A 216 15.67 -18.81 15.41
N ASP A 217 15.87 -18.30 14.21
CA ASP A 217 16.74 -18.95 13.25
C ASP A 217 17.14 -17.93 12.18
N ASP A 218 17.85 -18.42 11.15
CA ASP A 218 18.29 -17.61 10.02
C ASP A 218 17.45 -17.86 8.77
N SER A 219 16.36 -18.61 8.88
CA SER A 219 15.63 -19.07 7.69
C SER A 219 15.04 -17.91 6.90
N LYS A 220 14.31 -17.02 7.55
CA LYS A 220 13.58 -15.95 6.88
C LYS A 220 14.23 -14.59 7.00
N VAL A 221 15.34 -14.46 7.73
CA VAL A 221 15.82 -13.15 8.16
C VAL A 221 17.15 -12.76 7.52
N PHE A 222 18.05 -13.70 7.24
CA PHE A 222 19.42 -13.37 6.86
C PHE A 222 19.86 -14.18 5.66
N LYS A 223 20.68 -13.55 4.81
CA LYS A 223 21.33 -14.21 3.69
C LYS A 223 22.63 -13.46 3.42
N GLU A 224 23.74 -13.98 3.96
CA GLU A 224 25.06 -13.39 3.76
C GLU A 224 25.11 -11.96 4.28
N GLY A 225 24.47 -11.71 5.42
CA GLY A 225 24.52 -10.40 6.03
C GLY A 225 23.81 -9.31 5.27
N SER A 226 22.64 -9.62 4.69
CA SER A 226 21.85 -8.64 3.93
C SER A 226 20.57 -8.22 4.64
N CYS A 227 20.05 -9.03 5.56
CA CYS A 227 18.75 -8.80 6.16
C CYS A 227 17.66 -8.71 5.10
N LEU A 228 17.69 -9.68 4.18
CA LEU A 228 16.70 -9.82 3.12
C LEU A 228 15.90 -11.11 3.34
N LEU A 229 14.61 -11.04 3.03
CA LEU A 229 13.74 -12.20 3.18
C LEU A 229 14.22 -13.32 2.29
N ALA A 230 14.74 -14.39 2.89
CA ALA A 230 15.40 -15.49 2.20
C ALA A 230 14.70 -16.81 2.45
N ASP A 231 13.37 -16.82 2.35
CA ASP A 231 12.55 -18.03 2.51
C ASP A 231 11.74 -18.21 1.24
N ASP A 232 12.19 -19.15 0.38
CA ASP A 232 11.48 -19.39 -0.88
C ASP A 232 10.07 -19.90 -0.65
N ASN A 233 9.83 -20.62 0.45
CA ASN A 233 8.47 -21.10 0.72
C ASN A 233 7.52 -19.95 1.00
N PHE A 234 8.01 -18.87 1.61
CA PHE A 234 7.20 -17.71 1.94
C PHE A 234 7.30 -16.60 0.92
N VAL A 235 8.41 -16.50 0.20
CA VAL A 235 8.55 -15.46 -0.82
C VAL A 235 7.57 -15.69 -1.97
N LEU A 236 7.49 -16.94 -2.45
CA LEU A 236 6.57 -17.24 -3.56
C LEU A 236 5.13 -17.29 -3.07
N ILE A 237 4.86 -18.13 -2.07
CA ILE A 237 3.49 -18.31 -1.59
C ILE A 237 2.97 -17.02 -0.97
N GLY A 238 3.83 -16.31 -0.23
CA GLY A 238 3.39 -15.08 0.40
C GLY A 238 3.01 -14.00 -0.59
N SER A 239 3.80 -13.82 -1.64
CA SER A 239 3.47 -12.81 -2.64
C SER A 239 2.20 -13.16 -3.39
N PHE A 240 1.95 -14.45 -3.63
CA PHE A 240 0.75 -14.85 -4.36
C PHE A 240 -0.52 -14.44 -3.63
N VAL A 241 -0.53 -14.52 -2.30
CA VAL A 241 -1.70 -14.14 -1.52
C VAL A 241 -1.70 -12.66 -1.19
N SER A 242 -0.51 -12.06 -1.05
CA SER A 242 -0.42 -10.68 -0.59
C SER A 242 -0.62 -9.67 -1.72
N PHE A 243 -0.18 -9.99 -2.94
CA PHE A 243 -0.17 -9.07 -4.06
C PHE A 243 -0.99 -9.55 -5.25
N PHE A 244 -0.78 -10.79 -5.70
CA PHE A 244 -1.34 -11.21 -6.98
C PHE A 244 -2.83 -11.50 -6.91
N ILE A 245 -3.33 -12.06 -5.81
CA ILE A 245 -4.77 -12.25 -5.65
C ILE A 245 -5.43 -10.88 -5.59
N PRO A 246 -4.94 -9.95 -4.75
CA PRO A 246 -5.43 -8.57 -4.86
C PRO A 246 -5.26 -7.96 -6.23
N LEU A 247 -4.17 -8.27 -6.94
CA LEU A 247 -3.98 -7.66 -8.26
C LEU A 247 -5.06 -8.12 -9.23
N THR A 248 -5.31 -9.43 -9.32
CA THR A 248 -6.35 -9.90 -10.23
C THR A 248 -7.73 -9.43 -9.79
N ILE A 249 -7.96 -9.34 -8.47
CA ILE A 249 -9.22 -8.76 -8.00
C ILE A 249 -9.36 -7.33 -8.49
N MET A 250 -8.27 -6.55 -8.43
CA MET A 250 -8.33 -5.16 -8.87
C MET A 250 -8.52 -5.06 -10.39
N VAL A 251 -7.92 -5.95 -11.16
CA VAL A 251 -8.10 -5.88 -12.61
C VAL A 251 -9.54 -6.24 -12.97
N ILE A 252 -10.10 -7.29 -12.36
CA ILE A 252 -11.49 -7.64 -12.61
C ILE A 252 -12.40 -6.49 -12.20
N THR A 253 -12.12 -5.88 -11.05
CA THR A 253 -12.94 -4.75 -10.59
C THR A 253 -12.87 -3.58 -11.54
N TYR A 254 -11.67 -3.24 -12.02
CA TYR A 254 -11.52 -2.12 -12.93
C TYR A 254 -12.24 -2.38 -14.25
N PHE A 255 -12.08 -3.58 -14.82
CA PHE A 255 -12.77 -3.89 -16.07
C PHE A 255 -14.28 -3.91 -15.89
N LEU A 256 -14.77 -4.38 -14.75
CA LEU A 256 -16.21 -4.40 -14.52
C LEU A 256 -16.77 -3.00 -14.33
N THR A 257 -16.04 -2.14 -13.61
CA THR A 257 -16.52 -0.78 -13.38
C THR A 257 -16.50 0.04 -14.67
N ILE A 258 -15.39 0.02 -15.40
CA ILE A 258 -15.32 0.82 -16.62
C ILE A 258 -16.29 0.27 -17.68
N LYS A 259 -16.63 -1.02 -17.60
CA LYS A 259 -17.70 -1.55 -18.43
C LYS A 259 -19.08 -1.18 -17.91
N SER A 260 -19.18 -0.58 -16.72
CA SER A 260 -20.46 -0.21 -16.12
C SER A 260 -20.79 1.27 -16.27
N LEU A 261 -19.79 2.13 -16.41
CA LEU A 261 -20.01 3.55 -16.65
C LEU A 261 -20.08 3.85 -18.14
N GLN A 262 -20.93 3.12 -18.85
CA GLN A 262 -21.10 3.27 -20.29
C GLN A 262 -22.52 2.91 -20.71
N GLN A 313 -24.45 16.61 -18.43
CA GLN A 313 -23.80 16.92 -17.16
C GLN A 313 -23.35 15.65 -16.45
N SER A 314 -24.19 14.61 -16.53
CA SER A 314 -23.82 13.33 -15.93
C SER A 314 -22.76 12.62 -16.77
N ILE A 315 -22.78 12.79 -18.09
CA ILE A 315 -21.82 12.09 -18.95
C ILE A 315 -20.41 12.58 -18.67
N SER A 316 -20.23 13.90 -18.49
CA SER A 316 -18.91 14.41 -18.16
C SER A 316 -18.44 13.91 -16.80
N ASN A 317 -19.35 13.82 -15.82
CA ASN A 317 -18.98 13.27 -14.52
C ASN A 317 -18.54 11.82 -14.64
N GLU A 318 -19.26 11.02 -15.44
CA GLU A 318 -18.86 9.63 -15.65
C GLU A 318 -17.50 9.55 -16.34
N GLN A 319 -17.25 10.42 -17.32
CA GLN A 319 -15.96 10.42 -17.99
C GLN A 319 -14.83 10.77 -17.04
N LYS A 320 -15.05 11.76 -16.18
CA LYS A 320 -14.02 12.09 -15.19
C LYS A 320 -13.81 10.96 -14.19
N ALA A 321 -14.89 10.26 -13.81
CA ALA A 321 -14.73 9.10 -12.95
C ALA A 321 -13.90 8.01 -13.61
N CYS A 322 -14.15 7.75 -14.90
CA CYS A 322 -13.35 6.77 -15.62
C CYS A 322 -11.90 7.20 -15.70
N LYS A 323 -11.64 8.50 -15.92
CA LYS A 323 -10.29 9.01 -15.95
C LYS A 323 -9.59 8.77 -14.61
N VAL A 324 -10.26 9.08 -13.51
CA VAL A 324 -9.63 8.93 -12.20
C VAL A 324 -9.37 7.45 -11.91
N LEU A 325 -10.33 6.58 -12.23
CA LEU A 325 -10.15 5.14 -12.01
C LEU A 325 -8.96 4.63 -12.81
N GLY A 326 -8.85 5.02 -14.08
CA GLY A 326 -7.73 4.56 -14.90
C GLY A 326 -6.40 5.06 -14.36
N ILE A 327 -6.34 6.34 -14.00
CA ILE A 327 -5.08 6.90 -13.50
C ILE A 327 -4.66 6.18 -12.24
N VAL A 328 -5.57 5.98 -11.30
CA VAL A 328 -5.21 5.34 -10.03
C VAL A 328 -4.77 3.90 -10.25
N PHE A 329 -5.53 3.14 -11.04
CA PHE A 329 -5.20 1.73 -11.24
C PHE A 329 -3.87 1.57 -11.95
N PHE A 330 -3.61 2.37 -12.99
CA PHE A 330 -2.35 2.23 -13.70
C PHE A 330 -1.18 2.73 -12.87
N LEU A 331 -1.39 3.73 -12.01
CA LEU A 331 -0.33 4.11 -11.08
C LEU A 331 0.03 2.94 -10.17
N PHE A 332 -0.98 2.32 -9.54
CA PHE A 332 -0.70 1.21 -8.64
C PHE A 332 -0.02 0.06 -9.35
N VAL A 333 -0.50 -0.31 -10.54
CA VAL A 333 0.09 -1.42 -11.28
C VAL A 333 1.53 -1.10 -11.66
N VAL A 334 1.77 0.07 -12.24
CA VAL A 334 3.10 0.43 -12.68
C VAL A 334 4.06 0.48 -11.50
N MET A 335 3.58 0.82 -10.31
CA MET A 335 4.48 1.10 -9.19
C MET A 335 4.72 -0.11 -8.29
N TRP A 336 3.81 -1.09 -8.27
CA TRP A 336 3.98 -2.30 -7.46
C TRP A 336 4.27 -3.56 -8.27
N CYS A 337 3.78 -3.65 -9.51
CA CYS A 337 3.99 -4.86 -10.29
C CYS A 337 5.45 -5.21 -10.55
N PRO A 338 6.36 -4.30 -10.93
CA PRO A 338 7.74 -4.73 -11.22
C PRO A 338 8.45 -5.36 -10.03
N PHE A 339 8.19 -4.90 -8.81
CA PHE A 339 8.88 -5.45 -7.65
C PHE A 339 8.57 -6.93 -7.49
N PHE A 340 7.29 -7.30 -7.50
CA PHE A 340 6.95 -8.69 -7.23
C PHE A 340 7.35 -9.60 -8.38
N ILE A 341 7.29 -9.11 -9.61
CA ILE A 341 7.74 -9.92 -10.74
C ILE A 341 9.22 -10.20 -10.64
N THR A 342 10.04 -9.17 -10.40
CA THR A 342 11.48 -9.42 -10.28
C THR A 342 11.81 -10.20 -9.02
N ASN A 343 11.02 -10.05 -7.96
CA ASN A 343 11.23 -10.84 -6.75
C ASN A 343 10.99 -12.32 -7.01
N ILE A 344 9.92 -12.63 -7.75
CA ILE A 344 9.68 -14.02 -8.12
C ILE A 344 10.78 -14.54 -9.03
N MET A 345 11.23 -13.72 -9.98
CA MET A 345 12.30 -14.13 -10.87
C MET A 345 13.61 -14.37 -10.14
N ALA A 346 13.89 -13.60 -9.08
CA ALA A 346 15.09 -13.81 -8.30
C ALA A 346 15.12 -15.17 -7.60
N VAL A 347 13.95 -15.76 -7.34
CA VAL A 347 13.86 -17.07 -6.71
C VAL A 347 13.80 -18.19 -7.74
N ILE A 348 12.97 -18.03 -8.77
CA ILE A 348 12.85 -19.07 -9.78
C ILE A 348 14.13 -19.16 -10.60
N CYS A 349 14.66 -18.02 -11.02
CA CYS A 349 15.89 -18.00 -11.82
C CYS A 349 17.11 -18.17 -10.92
N ASN A 354 22.86 -14.95 -13.40
CA ASN A 354 22.70 -13.54 -13.74
C ASN A 354 21.89 -12.81 -12.69
N GLU A 355 22.06 -13.20 -11.43
CA GLU A 355 21.31 -12.61 -10.33
C GLU A 355 21.90 -11.31 -9.82
N ASP A 356 23.12 -10.95 -10.25
CA ASP A 356 23.73 -9.72 -9.76
C ASP A 356 22.92 -8.50 -10.19
N VAL A 357 22.47 -8.47 -11.45
CA VAL A 357 21.62 -7.37 -11.90
C VAL A 357 20.25 -7.44 -11.26
N ILE A 358 19.75 -8.65 -11.00
CA ILE A 358 18.45 -8.81 -10.37
C ILE A 358 18.46 -8.23 -8.97
N GLY A 359 19.58 -8.36 -8.26
CA GLY A 359 19.67 -7.75 -6.93
C GLY A 359 19.53 -6.24 -6.97
N ALA A 360 20.22 -5.59 -7.89
CA ALA A 360 20.11 -4.13 -8.00
C ALA A 360 18.71 -3.72 -8.44
N LEU A 361 18.12 -4.45 -9.38
CA LEU A 361 16.76 -4.13 -9.81
C LEU A 361 15.77 -4.26 -8.66
N LEU A 362 15.95 -5.29 -7.83
CA LEU A 362 15.14 -5.42 -6.63
C LEU A 362 15.35 -4.24 -5.69
N ASN A 363 16.61 -3.83 -5.53
CA ASN A 363 16.93 -2.74 -4.60
C ASN A 363 16.34 -1.42 -5.05
N VAL A 364 16.12 -1.23 -6.34
CA VAL A 364 15.48 0.00 -6.82
C VAL A 364 13.96 -0.12 -6.77
N PHE A 365 13.42 -1.28 -7.16
CA PHE A 365 11.97 -1.40 -7.24
C PHE A 365 11.32 -1.49 -5.86
N VAL A 366 12.06 -1.90 -4.82
CA VAL A 366 11.50 -1.79 -3.48
C VAL A 366 11.27 -0.32 -3.12
N TRP A 367 12.21 0.56 -3.48
CA TRP A 367 12.02 1.98 -3.22
C TRP A 367 10.91 2.55 -4.08
N ILE A 368 10.73 2.05 -5.29
CA ILE A 368 9.56 2.46 -6.08
C ILE A 368 8.27 2.06 -5.36
N GLY A 369 8.24 0.85 -4.81
CA GLY A 369 7.08 0.43 -4.05
C GLY A 369 6.79 1.32 -2.86
N TYR A 370 7.85 1.74 -2.15
CA TYR A 370 7.67 2.67 -1.04
C TYR A 370 7.17 4.02 -1.51
N LEU A 371 7.68 4.51 -2.64
CA LEU A 371 7.19 5.77 -3.19
C LEU A 371 5.71 5.67 -3.54
N SER A 372 5.23 4.48 -3.89
CA SER A 372 3.80 4.31 -4.12
C SER A 372 2.98 4.60 -2.86
N SER A 373 3.41 4.08 -1.71
CA SER A 373 2.71 4.38 -0.48
C SER A 373 2.86 5.85 -0.11
N ALA A 374 3.96 6.47 -0.51
CA ALA A 374 4.09 7.92 -0.32
C ALA A 374 3.06 8.67 -1.17
N VAL A 375 2.78 8.20 -2.38
CA VAL A 375 1.94 8.93 -3.31
C VAL A 375 0.46 8.70 -3.05
N ASN A 376 0.09 7.50 -2.58
CA ASN A 376 -1.30 7.04 -2.58
C ASN A 376 -2.28 7.98 -1.88
N PRO A 377 -1.95 8.54 -0.72
CA PRO A 377 -2.84 9.54 -0.11
C PRO A 377 -3.15 10.73 -1.00
N LEU A 378 -2.25 11.10 -1.92
CA LEU A 378 -2.48 12.27 -2.76
C LEU A 378 -3.51 11.99 -3.86
N VAL A 379 -3.25 10.99 -4.71
CA VAL A 379 -4.10 10.74 -5.86
C VAL A 379 -5.50 10.30 -5.44
N TYR A 380 -5.67 9.72 -4.26
CA TYR A 380 -6.98 9.30 -3.80
C TYR A 380 -7.81 10.44 -3.22
N THR A 381 -7.21 11.62 -3.04
CA THR A 381 -7.86 12.74 -2.36
C THR A 381 -7.78 14.06 -3.11
N LEU A 382 -6.73 14.28 -3.90
CA LEU A 382 -6.55 15.59 -4.54
C LEU A 382 -7.67 15.90 -5.52
N PHE A 383 -8.28 14.87 -6.11
CA PHE A 383 -9.34 15.10 -7.08
C PHE A 383 -10.55 15.74 -6.42
N ASN A 384 -10.84 15.40 -5.17
CA ASN A 384 -11.94 16.04 -4.46
C ASN A 384 -11.61 17.49 -4.15
N LYS A 385 -12.58 18.37 -4.38
CA LYS A 385 -12.33 19.81 -4.20
C LYS A 385 -12.03 20.15 -2.75
N THR A 386 -12.79 19.57 -1.81
CA THR A 386 -12.63 19.90 -0.40
C THR A 386 -11.24 19.49 0.10
N TYR A 387 -10.78 18.30 -0.29
CA TYR A 387 -9.44 17.87 0.09
C TYR A 387 -8.37 18.79 -0.49
N ARG A 388 -8.55 19.22 -1.74
CA ARG A 388 -7.59 20.13 -2.36
C ARG A 388 -7.53 21.45 -1.61
N SER A 389 -8.70 22.00 -1.25
CA SER A 389 -8.71 23.24 -0.47
C SER A 389 -8.08 23.04 0.90
N ALA A 390 -8.31 21.89 1.53
CA ALA A 390 -7.70 21.62 2.82
C ALA A 390 -6.19 21.56 2.72
N PHE A 391 -5.67 20.90 1.68
CA PHE A 391 -4.22 20.86 1.50
C PHE A 391 -3.67 22.25 1.20
N SER A 392 -4.40 23.06 0.43
CA SER A 392 -3.95 24.42 0.17
C SER A 392 -3.89 25.26 1.45
N ARG A 393 -4.89 25.10 2.32
CA ARG A 393 -4.96 25.90 3.55
C ARG A 393 -3.98 25.44 4.62
N TYR A 394 -3.90 24.13 4.88
CA TYR A 394 -3.02 23.63 5.92
C TYR A 394 -1.55 23.80 5.59
N ILE A 395 -1.19 23.91 4.31
CA ILE A 395 0.19 24.15 3.93
C ILE A 395 0.65 25.58 4.21
N GLN A 396 -0.28 26.50 4.43
CA GLN A 396 0.07 27.88 4.73
C GLN A 396 0.65 28.01 6.13
C10 A1AFU B . 10.12 -5.08 0.73
C11 A1AFU B . 5.71 -7.29 0.69
C12 A1AFU B . 7.81 -8.70 0.74
C13 A1AFU B . 6.43 -8.50 0.65
C06 A1AFU B . 7.93 -6.13 0.42
C07 A1AFU B . 8.60 -7.45 0.90
C08 A1AFU B . 6.42 -6.00 0.85
C09 A1AFU B . 10.62 -6.21 1.61
C14 A1AFU B . 9.82 -7.46 1.45
C15 A1AFU B . 5.54 -9.54 0.49
C16 A1AFU B . 8.25 -3.73 0.06
C17 A1AFU B . 12.02 -6.56 1.24
C18 A1AFU B . 4.38 -7.61 0.57
C19 A1AFU B . 8.26 -10.02 0.66
C20 A1AFU B . 5.97 -10.86 0.42
C21 A1AFU B . 7.36 -11.08 0.51
C22 A1AFU B . 14.46 -6.33 1.42
C23 A1AFU B . 13.06 -4.94 2.89
C24 A1AFU B . 14.82 -5.70 0.10
C25 A1AFU B . 12.91 -5.60 4.25
N03 A1AFU B . 8.67 -4.90 0.84
N04 A1AFU B . 4.28 -8.97 0.45
N05 A1AFU B . 13.11 -5.94 1.84
O02 A1AFU B . 12.16 -7.41 0.35
BR01 A1AFU B . 2.93 -6.40 0.55
#